data_4JDX
#
_entry.id   4JDX
#
_cell.length_a   87.342
_cell.length_b   87.342
_cell.length_c   230.779
_cell.angle_alpha   90.00
_cell.angle_beta   90.00
_cell.angle_gamma   90.00
#
_symmetry.space_group_name_H-M   'P 41 21 2'
#
loop_
_entity.id
_entity.type
_entity.pdbx_description
1 polymer 'Slr1964 protein'
2 water water
#
_entity_poly.entity_id   1
_entity_poly.type   'polypeptide(L)'
_entity_poly.pdbx_seq_one_letter_code
;MHHHHHHLQTAEAPWSQAETQSAHALFRKAYQRELDGLLATVQAQASQITQIDDLWKLHDFLSAKRHEIDGKYDDRQSVI
IFVFAQLLKEGLVQAEELTFLAADKQSKIKALARL
;
_entity_poly.pdbx_strand_id   A,B,C,D,E,F
#
# COMPACT_ATOMS: atom_id res chain seq x y z
N PRO A 14 14.77 -1.54 -1.07
CA PRO A 14 13.37 -1.59 -1.50
C PRO A 14 13.12 -2.72 -2.49
N TRP A 15 12.18 -3.60 -2.16
CA TRP A 15 11.80 -4.70 -3.04
C TRP A 15 10.33 -4.61 -3.42
N SER A 16 10.05 -4.62 -4.72
CA SER A 16 8.68 -4.61 -5.20
C SER A 16 8.06 -5.98 -4.93
N GLN A 17 6.73 -6.02 -4.96
CA GLN A 17 5.99 -7.26 -4.80
C GLN A 17 6.43 -8.25 -5.88
N ALA A 18 6.52 -7.76 -7.10
CA ALA A 18 6.90 -8.59 -8.24
C ALA A 18 8.29 -9.18 -8.06
N GLU A 19 9.21 -8.38 -7.52
CA GLU A 19 10.57 -8.83 -7.28
C GLU A 19 10.64 -9.93 -6.23
N THR A 20 9.94 -9.74 -5.12
CA THR A 20 9.97 -10.71 -4.03
C THR A 20 9.30 -12.02 -4.43
N GLN A 21 8.24 -11.92 -5.23
CA GLN A 21 7.48 -13.09 -5.63
C GLN A 21 8.26 -13.95 -6.63
N SER A 22 8.89 -13.30 -7.60
CA SER A 22 9.66 -14.00 -8.61
C SER A 22 10.99 -14.51 -8.05
N ALA A 23 11.50 -13.83 -7.02
CA ALA A 23 12.71 -14.27 -6.35
C ALA A 23 12.45 -15.59 -5.63
N HIS A 24 11.30 -15.67 -4.97
CA HIS A 24 10.89 -16.89 -4.28
C HIS A 24 10.79 -18.06 -5.26
N ALA A 25 10.20 -17.79 -6.42
CA ALA A 25 10.00 -18.81 -7.43
C ALA A 25 11.34 -19.28 -7.97
N LEU A 26 12.31 -18.37 -8.01
CA LEU A 26 13.64 -18.68 -8.51
C LEU A 26 14.43 -19.44 -7.45
N PHE A 27 14.19 -19.11 -6.18
CA PHE A 27 14.81 -19.84 -5.07
C PHE A 27 14.43 -21.31 -5.12
N ARG A 28 13.13 -21.58 -5.22
CA ARG A 28 12.64 -22.95 -5.26
C ARG A 28 13.22 -23.70 -6.46
N LYS A 29 13.30 -23.01 -7.59
CA LYS A 29 13.84 -23.59 -8.81
C LYS A 29 15.28 -24.03 -8.58
N ALA A 30 16.09 -23.13 -8.03
CA ALA A 30 17.49 -23.41 -7.73
C ALA A 30 17.60 -24.54 -6.73
N TYR A 31 16.73 -24.50 -5.72
CA TYR A 31 16.67 -25.53 -4.69
C TYR A 31 16.49 -26.90 -5.33
N GLN A 32 15.56 -27.00 -6.28
CA GLN A 32 15.33 -28.26 -6.98
C GLN A 32 16.55 -28.67 -7.79
N ARG A 33 17.24 -27.68 -8.36
CA ARG A 33 18.44 -27.95 -9.13
C ARG A 33 19.53 -28.51 -8.24
N GLU A 34 19.58 -28.03 -7.01
CA GLU A 34 20.61 -28.47 -6.07
C GLU A 34 20.33 -29.89 -5.59
N LEU A 35 19.05 -30.24 -5.46
CA LEU A 35 18.66 -31.60 -5.11
C LEU A 35 19.10 -32.57 -6.20
N ASP A 36 18.85 -32.20 -7.45
CA ASP A 36 19.21 -33.05 -8.57
C ASP A 36 20.71 -33.29 -8.62
N GLY A 37 21.49 -32.23 -8.42
CA GLY A 37 22.94 -32.35 -8.43
C GLY A 37 23.41 -33.20 -7.27
N LEU A 38 22.89 -32.90 -6.08
CA LEU A 38 23.25 -33.63 -4.87
C LEU A 38 23.02 -35.12 -5.06
N LEU A 39 21.81 -35.46 -5.46
CA LEU A 39 21.42 -36.84 -5.69
C LEU A 39 22.40 -37.54 -6.63
N ALA A 40 22.74 -36.87 -7.73
CA ALA A 40 23.61 -37.45 -8.75
C ALA A 40 25.00 -37.77 -8.18
N THR A 41 25.57 -36.83 -7.44
CA THR A 41 26.90 -37.03 -6.84
C THR A 41 26.86 -38.17 -5.84
N VAL A 42 25.88 -38.13 -4.94
CA VAL A 42 25.69 -39.15 -3.93
C VAL A 42 25.56 -40.52 -4.59
N GLN A 43 24.66 -40.61 -5.56
CA GLN A 43 24.40 -41.85 -6.27
C GLN A 43 25.67 -42.35 -6.94
N ALA A 44 26.58 -41.43 -7.24
CA ALA A 44 27.78 -41.74 -7.98
C ALA A 44 28.89 -42.25 -7.06
N GLN A 45 29.22 -41.46 -6.05
CA GLN A 45 30.33 -41.80 -5.16
C GLN A 45 29.95 -42.93 -4.21
N ALA A 46 28.71 -43.38 -4.29
CA ALA A 46 28.24 -44.52 -3.52
C ALA A 46 28.49 -45.81 -4.31
N SER A 47 28.43 -45.71 -5.63
CA SER A 47 28.70 -46.85 -6.51
C SER A 47 30.21 -47.03 -6.67
N GLN A 48 30.96 -45.97 -6.39
CA GLN A 48 32.42 -46.01 -6.52
C GLN A 48 33.06 -46.45 -5.20
N ILE A 49 32.22 -46.79 -4.22
CA ILE A 49 32.72 -47.22 -2.93
C ILE A 49 33.42 -48.57 -3.01
N THR A 50 34.59 -48.64 -2.40
CA THR A 50 35.35 -49.87 -2.31
C THR A 50 35.77 -50.07 -0.87
N GLN A 51 36.51 -49.09 -0.35
CA GLN A 51 36.91 -49.07 1.04
C GLN A 51 35.72 -48.58 1.87
N ILE A 52 35.73 -48.82 3.16
CA ILE A 52 34.62 -48.40 4.01
C ILE A 52 34.69 -46.93 4.36
N ASP A 53 35.90 -46.39 4.46
CA ASP A 53 36.08 -44.98 4.76
C ASP A 53 35.44 -44.14 3.66
N ASP A 54 35.33 -44.72 2.46
CA ASP A 54 34.61 -44.08 1.36
C ASP A 54 33.17 -43.83 1.78
N LEU A 55 32.64 -44.76 2.56
CA LEU A 55 31.26 -44.70 3.00
C LEU A 55 31.08 -43.65 4.11
N TRP A 56 32.14 -43.44 4.89
CA TRP A 56 32.13 -42.44 5.95
C TRP A 56 32.36 -41.04 5.37
N LYS A 57 33.17 -40.97 4.32
CA LYS A 57 33.40 -39.71 3.63
C LYS A 57 32.10 -39.22 3.01
N LEU A 58 31.36 -40.16 2.42
CA LEU A 58 30.06 -39.87 1.82
C LEU A 58 29.10 -39.38 2.88
N HIS A 59 29.12 -40.06 4.02
CA HIS A 59 28.28 -39.68 5.15
C HIS A 59 28.56 -38.26 5.59
N ASP A 60 29.84 -37.92 5.72
CA ASP A 60 30.25 -36.59 6.12
C ASP A 60 29.77 -35.55 5.12
N PHE A 61 29.87 -35.91 3.84
CA PHE A 61 29.44 -35.04 2.75
C PHE A 61 27.95 -34.72 2.85
N LEU A 62 27.12 -35.75 3.03
CA LEU A 62 25.67 -35.57 3.17
C LEU A 62 25.31 -34.73 4.38
N SER A 63 25.96 -35.03 5.52
CA SER A 63 25.70 -34.29 6.75
C SER A 63 25.92 -32.81 6.51
N ALA A 64 26.99 -32.49 5.80
CA ALA A 64 27.42 -31.12 5.58
C ALA A 64 26.52 -30.44 4.55
N LYS A 65 26.33 -31.10 3.42
CA LYS A 65 25.56 -30.53 2.32
C LYS A 65 24.12 -30.32 2.75
N ARG A 66 23.64 -31.17 3.66
CA ARG A 66 22.26 -31.08 4.13
C ARG A 66 22.08 -29.89 5.06
N HIS A 67 23.09 -29.62 5.88
CA HIS A 67 23.03 -28.50 6.81
C HIS A 67 23.17 -27.18 6.07
N GLU A 68 24.03 -27.18 5.05
CA GLU A 68 24.23 -26.02 4.18
C GLU A 68 22.91 -25.63 3.53
N ILE A 69 22.25 -26.62 2.93
CA ILE A 69 21.02 -26.40 2.20
C ILE A 69 19.87 -25.95 3.10
N ASP A 70 19.81 -26.48 4.31
CA ASP A 70 18.76 -26.14 5.25
C ASP A 70 18.68 -24.63 5.47
N GLY A 71 19.82 -23.95 5.39
CA GLY A 71 19.88 -22.53 5.68
C GLY A 71 20.40 -21.67 4.55
N LYS A 72 20.53 -22.25 3.36
CA LYS A 72 21.12 -21.56 2.23
C LYS A 72 20.17 -20.55 1.58
N TYR A 73 18.88 -20.90 1.52
CA TYR A 73 17.91 -20.08 0.80
C TYR A 73 17.23 -19.07 1.72
N ASP A 74 18.03 -18.13 2.22
CA ASP A 74 17.56 -17.10 3.13
C ASP A 74 17.08 -15.87 2.33
N ASP A 75 15.80 -15.54 2.48
CA ASP A 75 15.19 -14.49 1.67
C ASP A 75 15.24 -13.13 2.37
N ARG A 76 15.90 -13.06 3.52
CA ARG A 76 15.96 -11.83 4.29
C ARG A 76 16.74 -10.74 3.56
N GLN A 77 16.30 -9.50 3.74
CA GLN A 77 16.85 -8.35 3.05
C GLN A 77 18.37 -8.21 3.24
N SER A 78 18.86 -8.72 4.37
CA SER A 78 20.24 -8.53 4.76
C SER A 78 21.23 -9.32 3.90
N VAL A 79 20.80 -10.48 3.42
CA VAL A 79 21.69 -11.39 2.71
C VAL A 79 21.14 -11.89 1.37
N ILE A 80 19.88 -11.58 1.09
CA ILE A 80 19.21 -12.11 -0.11
C ILE A 80 20.02 -11.82 -1.37
N ILE A 81 20.68 -10.68 -1.40
CA ILE A 81 21.52 -10.31 -2.54
C ILE A 81 22.76 -11.18 -2.59
N PHE A 82 23.34 -11.46 -1.42
CA PHE A 82 24.51 -12.31 -1.33
C PHE A 82 24.16 -13.73 -1.75
N VAL A 83 22.97 -14.17 -1.38
CA VAL A 83 22.51 -15.52 -1.69
C VAL A 83 22.47 -15.74 -3.19
N PHE A 84 21.85 -14.81 -3.91
CA PHE A 84 21.75 -14.91 -5.37
C PHE A 84 23.13 -14.99 -6.01
N ALA A 85 24.05 -14.18 -5.52
CA ALA A 85 25.43 -14.18 -6.01
C ALA A 85 26.03 -15.56 -5.87
N GLN A 86 25.82 -16.18 -4.70
CA GLN A 86 26.34 -17.52 -4.44
C GLN A 86 25.71 -18.54 -5.38
N LEU A 87 24.39 -18.48 -5.52
CA LEU A 87 23.65 -19.36 -6.43
C LEU A 87 24.17 -19.24 -7.86
N LEU A 88 24.48 -18.00 -8.25
CA LEU A 88 24.98 -17.73 -9.59
C LEU A 88 26.38 -18.31 -9.75
N LYS A 89 27.20 -18.13 -8.72
CA LYS A 89 28.56 -18.65 -8.73
C LYS A 89 28.55 -20.18 -8.75
N GLU A 90 27.55 -20.77 -8.10
CA GLU A 90 27.44 -22.22 -8.02
C GLU A 90 26.68 -22.80 -9.22
N GLY A 91 26.20 -21.94 -10.11
CA GLY A 91 25.52 -22.39 -11.31
C GLY A 91 24.10 -22.86 -11.04
N LEU A 92 23.56 -22.51 -9.88
CA LEU A 92 22.21 -22.92 -9.50
C LEU A 92 21.16 -21.98 -10.09
N VAL A 93 21.59 -20.80 -10.51
CA VAL A 93 20.75 -19.92 -11.31
C VAL A 93 21.56 -19.32 -12.45
N GLN A 94 20.89 -19.01 -13.55
CA GLN A 94 21.54 -18.38 -14.69
C GLN A 94 21.29 -16.88 -14.64
N ALA A 95 22.26 -16.11 -15.11
CA ALA A 95 22.18 -14.65 -15.09
C ALA A 95 20.90 -14.17 -15.79
N GLU A 96 20.47 -14.91 -16.81
CA GLU A 96 19.31 -14.52 -17.60
C GLU A 96 18.03 -14.60 -16.78
N GLU A 97 18.08 -15.34 -15.67
CA GLU A 97 16.92 -15.54 -14.81
C GLU A 97 16.76 -14.42 -13.79
N LEU A 98 17.64 -13.42 -13.85
CA LEU A 98 17.63 -12.31 -12.90
C LEU A 98 17.01 -11.05 -13.49
N THR A 99 16.54 -11.13 -14.73
CA THR A 99 16.10 -9.96 -15.47
C THR A 99 14.79 -9.36 -14.97
N PHE A 100 14.16 -10.03 -14.00
CA PHE A 100 12.93 -9.50 -13.40
C PHE A 100 13.30 -8.48 -12.32
N LEU A 101 14.55 -8.52 -11.88
CA LEU A 101 15.05 -7.61 -10.87
C LEU A 101 15.43 -6.25 -11.44
N ALA A 102 15.50 -5.25 -10.57
CA ALA A 102 16.03 -3.94 -10.94
C ALA A 102 17.45 -4.11 -11.48
N ALA A 103 17.83 -3.21 -12.38
CA ALA A 103 19.14 -3.28 -13.04
C ALA A 103 20.28 -3.21 -12.04
N ASP A 104 20.13 -2.38 -11.01
CA ASP A 104 21.18 -2.18 -10.01
C ASP A 104 21.43 -3.46 -9.20
N LYS A 105 20.37 -4.19 -8.91
CA LYS A 105 20.48 -5.47 -8.19
C LYS A 105 21.21 -6.51 -9.04
N GLN A 106 20.85 -6.57 -10.32
CA GLN A 106 21.47 -7.53 -11.23
C GLN A 106 22.98 -7.29 -11.31
N SER A 107 23.37 -6.03 -11.48
CA SER A 107 24.77 -5.67 -11.63
C SER A 107 25.56 -6.05 -10.38
N LYS A 108 25.00 -5.73 -9.21
CA LYS A 108 25.65 -6.00 -7.94
C LYS A 108 25.86 -7.51 -7.77
N ILE A 109 24.83 -8.28 -8.09
CA ILE A 109 24.90 -9.73 -7.98
C ILE A 109 25.98 -10.31 -8.88
N LYS A 110 25.91 -9.96 -10.17
CA LYS A 110 26.89 -10.43 -11.14
C LYS A 110 28.30 -10.09 -10.68
N ALA A 111 28.46 -8.88 -10.15
CA ALA A 111 29.76 -8.39 -9.71
C ALA A 111 30.32 -9.26 -8.57
N LEU A 112 29.48 -9.51 -7.57
CA LEU A 112 29.89 -10.29 -6.41
C LEU A 112 30.24 -11.73 -6.82
N ALA A 113 29.53 -12.26 -7.81
CA ALA A 113 29.72 -13.63 -8.26
C ALA A 113 30.97 -13.78 -9.11
N ARG A 114 31.38 -12.70 -9.78
CA ARG A 114 32.57 -12.73 -10.63
C ARG A 114 33.81 -13.02 -9.78
N LEU A 115 33.90 -12.36 -8.64
CA LEU A 115 35.02 -12.55 -7.72
C LEU A 115 34.90 -13.88 -7.00
N PRO B 14 -26.86 22.56 17.66
CA PRO B 14 -26.61 21.32 18.40
C PRO B 14 -25.31 21.37 19.20
N TRP B 15 -24.37 22.19 18.75
CA TRP B 15 -23.07 22.31 19.40
C TRP B 15 -22.66 23.77 19.52
N SER B 16 -22.50 24.24 20.75
CA SER B 16 -22.07 25.62 20.99
C SER B 16 -20.64 25.81 20.51
N GLN B 17 -20.31 27.03 20.12
CA GLN B 17 -18.97 27.35 19.66
C GLN B 17 -18.00 27.51 20.84
N ALA B 18 -18.55 27.89 21.99
CA ALA B 18 -17.77 28.03 23.21
C ALA B 18 -17.44 26.65 23.78
N GLU B 19 -18.29 25.68 23.47
CA GLU B 19 -18.05 24.29 23.85
C GLU B 19 -16.98 23.71 22.95
N THR B 20 -17.11 23.99 21.65
CA THR B 20 -16.18 23.48 20.65
C THR B 20 -14.76 23.95 20.93
N GLN B 21 -14.62 25.22 21.31
CA GLN B 21 -13.30 25.80 21.54
C GLN B 21 -12.68 25.25 22.82
N SER B 22 -13.46 25.27 23.91
CA SER B 22 -12.98 24.76 25.19
C SER B 22 -12.68 23.27 25.11
N ALA B 23 -13.31 22.60 24.15
CA ALA B 23 -13.10 21.17 23.95
C ALA B 23 -11.74 20.91 23.32
N HIS B 24 -11.46 21.62 22.22
CA HIS B 24 -10.19 21.48 21.52
C HIS B 24 -9.03 21.74 22.49
N ALA B 25 -9.25 22.68 23.40
CA ALA B 25 -8.25 23.04 24.41
C ALA B 25 -8.04 21.86 25.36
N LEU B 26 -9.15 21.24 25.78
CA LEU B 26 -9.09 20.12 26.71
C LEU B 26 -8.44 18.91 26.04
N PHE B 27 -8.74 18.74 24.75
CA PHE B 27 -8.11 17.69 23.95
C PHE B 27 -6.60 17.84 23.97
N ARG B 28 -6.15 19.09 23.84
CA ARG B 28 -4.72 19.39 23.80
C ARG B 28 -4.08 19.15 25.17
N LYS B 29 -4.82 19.46 26.22
CA LYS B 29 -4.31 19.32 27.57
C LYS B 29 -4.15 17.85 27.94
N ALA B 30 -5.11 17.03 27.50
CA ALA B 30 -5.06 15.59 27.73
C ALA B 30 -3.99 14.96 26.85
N TYR B 31 -3.83 15.52 25.66
CA TYR B 31 -2.90 15.02 24.67
C TYR B 31 -1.44 15.26 25.07
N GLN B 32 -1.22 16.33 25.82
CA GLN B 32 0.13 16.66 26.30
C GLN B 32 0.47 15.80 27.51
N ARG B 33 -0.54 15.55 28.34
CA ARG B 33 -0.37 14.68 29.51
C ARG B 33 0.10 13.29 29.08
N GLU B 34 -0.47 12.79 27.99
CA GLU B 34 -0.16 11.46 27.50
C GLU B 34 1.19 11.44 26.77
N LEU B 35 1.47 12.53 26.06
CA LEU B 35 2.70 12.65 25.29
C LEU B 35 3.91 12.76 26.21
N ASP B 36 3.86 13.72 27.13
CA ASP B 36 4.94 13.96 28.07
C ASP B 36 5.36 12.69 28.80
N GLY B 37 4.38 11.83 29.09
CA GLY B 37 4.64 10.58 29.78
C GLY B 37 5.20 9.53 28.84
N LEU B 38 4.72 9.56 27.60
CA LEU B 38 5.18 8.63 26.58
C LEU B 38 6.63 8.93 26.18
N LEU B 39 6.98 10.21 26.19
CA LEU B 39 8.35 10.64 25.89
C LEU B 39 9.29 10.35 27.07
N ALA B 40 8.70 10.16 28.24
CA ALA B 40 9.48 9.90 29.45
C ALA B 40 9.90 8.43 29.53
N THR B 41 8.92 7.54 29.33
CA THR B 41 9.16 6.10 29.43
C THR B 41 10.04 5.62 28.28
N VAL B 42 9.97 6.32 27.16
CA VAL B 42 10.77 5.98 25.99
C VAL B 42 12.24 6.35 26.21
N GLN B 43 12.45 7.46 26.92
CA GLN B 43 13.80 7.92 27.23
C GLN B 43 14.45 7.04 28.29
N ALA B 44 13.69 6.74 29.34
CA ALA B 44 14.17 5.90 30.43
C ALA B 44 14.43 4.48 29.93
N GLN B 45 13.53 4.00 29.09
CA GLN B 45 13.61 2.65 28.54
C GLN B 45 14.76 2.53 27.54
N ALA B 46 15.23 3.68 27.06
CA ALA B 46 16.32 3.73 26.09
C ALA B 46 17.68 3.82 26.79
N SER B 47 17.69 4.38 27.99
CA SER B 47 18.92 4.53 28.76
C SER B 47 19.31 3.21 29.40
N GLN B 48 18.32 2.43 29.80
CA GLN B 48 18.56 1.13 30.42
C GLN B 48 18.45 0.03 29.39
N ILE B 49 19.28 0.11 28.36
CA ILE B 49 19.31 -0.89 27.31
C ILE B 49 20.73 -1.31 26.97
N THR B 50 20.94 -2.61 26.85
CA THR B 50 22.24 -3.18 26.50
C THR B 50 22.07 -4.34 25.53
N GLN B 51 21.07 -5.18 25.79
CA GLN B 51 20.81 -6.34 24.94
C GLN B 51 19.90 -5.95 23.78
N ILE B 52 20.35 -6.27 22.56
CA ILE B 52 19.61 -5.92 21.35
C ILE B 52 18.12 -6.22 21.49
N ASP B 53 17.81 -7.31 22.17
CA ASP B 53 16.42 -7.70 22.37
C ASP B 53 15.64 -6.57 23.03
N ASP B 54 16.21 -6.01 24.10
CA ASP B 54 15.56 -4.94 24.84
C ASP B 54 15.22 -3.77 23.91
N LEU B 55 16.02 -3.60 22.87
CA LEU B 55 15.80 -2.54 21.90
C LEU B 55 14.60 -2.84 21.02
N TRP B 56 14.44 -4.10 20.62
CA TRP B 56 13.30 -4.50 19.80
C TRP B 56 12.03 -4.56 20.64
N LYS B 57 12.19 -4.72 21.95
CA LYS B 57 11.06 -4.66 22.87
C LYS B 57 10.52 -3.23 22.86
N LEU B 58 11.43 -2.28 22.74
CA LEU B 58 11.08 -0.87 22.67
C LEU B 58 10.43 -0.55 21.34
N HIS B 59 10.95 -1.16 20.27
CA HIS B 59 10.42 -0.97 18.93
C HIS B 59 8.98 -1.47 18.86
N ASP B 60 8.74 -2.64 19.44
CA ASP B 60 7.40 -3.21 19.49
C ASP B 60 6.47 -2.30 20.27
N PHE B 61 7.02 -1.72 21.34
CA PHE B 61 6.27 -0.81 22.19
C PHE B 61 5.79 0.42 21.40
N LEU B 62 6.71 1.02 20.65
CA LEU B 62 6.38 2.18 19.83
C LEU B 62 5.37 1.80 18.74
N SER B 63 5.50 0.58 18.23
CA SER B 63 4.57 0.09 17.22
C SER B 63 3.17 0.02 17.79
N ALA B 64 3.06 -0.47 19.02
CA ALA B 64 1.77 -0.61 19.68
C ALA B 64 1.13 0.75 19.93
N LYS B 65 1.84 1.61 20.63
CA LYS B 65 1.33 2.93 20.99
C LYS B 65 0.95 3.74 19.75
N ARG B 66 1.82 3.74 18.75
CA ARG B 66 1.54 4.49 17.53
C ARG B 66 0.24 4.03 16.87
N HIS B 67 -0.02 2.73 16.92
CA HIS B 67 -1.23 2.17 16.35
C HIS B 67 -2.40 2.24 17.34
N GLU B 68 -2.14 2.89 18.48
CA GLU B 68 -3.17 3.14 19.49
C GLU B 68 -3.58 4.61 19.44
N ILE B 69 -2.60 5.48 19.28
CA ILE B 69 -2.83 6.93 19.26
C ILE B 69 -3.36 7.38 17.91
N ASP B 70 -3.20 6.52 16.90
CA ASP B 70 -3.64 6.84 15.55
C ASP B 70 -5.13 7.18 15.55
N GLY B 71 -5.97 6.18 15.75
CA GLY B 71 -7.40 6.38 15.79
C GLY B 71 -7.84 6.87 17.16
N LYS B 72 -7.34 8.04 17.53
CA LYS B 72 -7.63 8.62 18.84
C LYS B 72 -7.59 10.14 18.76
N TYR B 73 -8.25 10.80 19.71
CA TYR B 73 -8.33 12.26 19.71
C TYR B 73 -9.11 12.74 18.50
N ASP B 74 -10.19 12.03 18.20
CA ASP B 74 -11.11 12.42 17.14
C ASP B 74 -12.07 13.46 17.70
N ASP B 75 -11.99 14.69 17.18
CA ASP B 75 -12.78 15.80 17.69
C ASP B 75 -14.05 16.05 16.87
N ARG B 76 -14.49 15.02 16.16
CA ARG B 76 -15.70 15.12 15.36
C ARG B 76 -16.93 14.96 16.24
N GLN B 77 -17.91 15.83 16.05
CA GLN B 77 -19.09 15.88 16.91
C GLN B 77 -19.81 14.54 17.02
N SER B 78 -19.52 13.64 16.08
CA SER B 78 -20.23 12.37 16.00
C SER B 78 -19.67 11.32 16.96
N VAL B 79 -18.41 11.49 17.36
CA VAL B 79 -17.73 10.51 18.22
C VAL B 79 -16.95 11.15 19.37
N ILE B 80 -16.82 12.47 19.37
CA ILE B 80 -16.02 13.17 20.36
C ILE B 80 -16.49 12.85 21.78
N ILE B 81 -17.77 12.55 21.90
CA ILE B 81 -18.38 12.29 23.20
C ILE B 81 -17.82 11.01 23.82
N PHE B 82 -17.61 10.00 22.97
CA PHE B 82 -17.07 8.73 23.40
C PHE B 82 -15.59 8.88 23.74
N VAL B 83 -14.90 9.66 22.92
CA VAL B 83 -13.48 9.93 23.12
C VAL B 83 -13.23 10.52 24.50
N PHE B 84 -14.02 11.52 24.86
CA PHE B 84 -13.91 12.17 26.16
C PHE B 84 -14.13 11.17 27.29
N ALA B 85 -15.00 10.20 27.07
CA ALA B 85 -15.28 9.17 28.06
C ALA B 85 -14.06 8.27 28.21
N GLN B 86 -13.45 7.93 27.07
CA GLN B 86 -12.25 7.13 27.06
C GLN B 86 -11.14 7.85 27.83
N LEU B 87 -10.97 9.14 27.53
CA LEU B 87 -9.98 9.97 28.20
C LEU B 87 -10.24 10.02 29.69
N LEU B 88 -11.51 10.16 30.06
CA LEU B 88 -11.89 10.21 31.46
C LEU B 88 -11.51 8.92 32.17
N LYS B 89 -11.73 7.79 31.50
CA LYS B 89 -11.45 6.50 32.09
C LYS B 89 -9.95 6.22 32.18
N GLU B 90 -9.19 6.76 31.22
CA GLU B 90 -7.75 6.60 31.21
C GLU B 90 -7.08 7.57 32.18
N GLY B 91 -7.82 8.58 32.62
CA GLY B 91 -7.30 9.53 33.59
C GLY B 91 -6.61 10.71 32.94
N LEU B 92 -6.81 10.87 31.64
CA LEU B 92 -6.19 11.97 30.90
C LEU B 92 -6.96 13.26 31.09
N VAL B 93 -8.23 13.14 31.50
CA VAL B 93 -9.03 14.28 31.88
C VAL B 93 -9.89 13.92 33.09
N GLN B 94 -10.31 14.93 33.85
CA GLN B 94 -11.18 14.72 34.99
C GLN B 94 -12.50 15.47 34.84
N ALA B 95 -13.49 15.07 35.61
CA ALA B 95 -14.85 15.59 35.49
C ALA B 95 -14.91 17.12 35.58
N GLU B 96 -14.11 17.69 36.48
CA GLU B 96 -14.11 19.14 36.71
C GLU B 96 -13.74 19.91 35.45
N GLU B 97 -13.17 19.19 34.48
CA GLU B 97 -12.72 19.80 33.23
C GLU B 97 -13.77 19.72 32.12
N LEU B 98 -14.94 19.17 32.44
CA LEU B 98 -16.02 19.00 31.47
C LEU B 98 -17.21 19.89 31.81
N THR B 99 -17.03 20.77 32.79
CA THR B 99 -18.10 21.63 33.28
C THR B 99 -18.57 22.61 32.20
N PHE B 100 -17.68 22.93 31.27
CA PHE B 100 -17.98 23.91 30.23
C PHE B 100 -19.03 23.34 29.27
N LEU B 101 -19.27 22.03 29.34
CA LEU B 101 -20.22 21.37 28.46
C LEU B 101 -21.62 21.41 29.02
N ALA B 102 -22.61 21.28 28.13
CA ALA B 102 -24.00 21.17 28.55
C ALA B 102 -24.15 19.98 29.48
N ALA B 103 -25.10 20.06 30.40
CA ALA B 103 -25.31 19.01 31.40
C ALA B 103 -25.56 17.67 30.74
N ASP B 104 -26.31 17.69 29.64
CA ASP B 104 -26.69 16.46 28.94
C ASP B 104 -25.47 15.81 28.29
N LYS B 105 -24.49 16.63 27.92
CA LYS B 105 -23.27 16.13 27.30
C LYS B 105 -22.37 15.48 28.34
N GLN B 106 -22.35 16.04 29.55
CA GLN B 106 -21.54 15.50 30.63
C GLN B 106 -22.07 14.14 31.06
N SER B 107 -23.34 14.10 31.46
CA SER B 107 -23.96 12.86 31.93
C SER B 107 -23.71 11.73 30.95
N LYS B 108 -23.75 12.07 29.66
CA LYS B 108 -23.51 11.09 28.61
C LYS B 108 -22.10 10.53 28.73
N ILE B 109 -21.11 11.43 28.77
CA ILE B 109 -19.71 11.04 28.86
C ILE B 109 -19.44 10.17 30.08
N LYS B 110 -19.94 10.62 31.23
CA LYS B 110 -19.70 9.92 32.49
C LYS B 110 -20.30 8.52 32.48
N ALA B 111 -21.25 8.30 31.56
CA ALA B 111 -21.90 7.00 31.43
C ALA B 111 -21.09 6.06 30.56
N LEU B 112 -20.60 6.58 29.43
CA LEU B 112 -19.76 5.80 28.52
C LEU B 112 -18.50 5.34 29.23
N ALA B 113 -18.02 6.16 30.16
CA ALA B 113 -16.80 5.87 30.90
C ALA B 113 -16.97 4.64 31.79
N ARG B 114 -18.21 4.23 32.00
CA ARG B 114 -18.49 3.05 32.81
C ARG B 114 -18.50 1.78 31.96
N LEU B 115 -18.41 1.96 30.65
CA LEU B 115 -18.40 0.84 29.71
C LEU B 115 -16.97 0.34 29.49
N PRO C 14 -9.16 -44.84 -7.98
CA PRO C 14 -8.18 -44.24 -8.88
C PRO C 14 -8.02 -42.75 -8.63
N TRP C 15 -9.06 -41.99 -8.94
CA TRP C 15 -9.08 -40.55 -8.69
C TRP C 15 -10.34 -40.13 -7.96
N SER C 16 -10.16 -39.58 -6.76
CA SER C 16 -11.27 -39.02 -6.00
C SER C 16 -11.85 -37.80 -6.72
N GLN C 17 -13.10 -37.50 -6.44
CA GLN C 17 -13.79 -36.37 -7.04
C GLN C 17 -13.26 -35.06 -6.48
N ALA C 18 -12.82 -35.10 -5.22
CA ALA C 18 -12.24 -33.94 -4.56
C ALA C 18 -10.79 -33.78 -5.00
N GLU C 19 -10.12 -34.90 -5.22
CA GLU C 19 -8.74 -34.90 -5.73
C GLU C 19 -8.69 -34.17 -7.06
N THR C 20 -9.63 -34.51 -7.94
CA THR C 20 -9.66 -33.96 -9.29
C THR C 20 -9.93 -32.46 -9.26
N GLN C 21 -10.86 -32.04 -8.41
CA GLN C 21 -11.18 -30.63 -8.25
C GLN C 21 -9.96 -29.86 -7.77
N SER C 22 -9.44 -30.28 -6.62
CA SER C 22 -8.32 -29.60 -5.99
C SER C 22 -7.06 -29.64 -6.86
N ALA C 23 -7.01 -30.61 -7.77
CA ALA C 23 -5.88 -30.76 -8.69
C ALA C 23 -5.99 -29.73 -9.81
N HIS C 24 -7.17 -29.64 -10.41
CA HIS C 24 -7.43 -28.64 -11.45
C HIS C 24 -7.19 -27.25 -10.90
N ALA C 25 -7.45 -27.09 -9.60
CA ALA C 25 -7.31 -25.78 -8.94
C ALA C 25 -5.84 -25.39 -8.85
N LEU C 26 -5.04 -26.26 -8.22
CA LEU C 26 -3.61 -26.03 -8.08
C LEU C 26 -2.98 -25.87 -9.45
N PHE C 27 -3.43 -26.72 -10.37
CA PHE C 27 -3.00 -26.69 -11.77
C PHE C 27 -3.19 -25.31 -12.37
N ARG C 28 -4.35 -24.71 -12.09
CA ARG C 28 -4.66 -23.39 -12.63
C ARG C 28 -4.00 -22.29 -11.81
N LYS C 29 -3.82 -22.56 -10.51
CA LYS C 29 -3.16 -21.63 -9.63
C LYS C 29 -1.70 -21.47 -10.04
N ALA C 30 -1.11 -22.56 -10.51
CA ALA C 30 0.29 -22.57 -10.95
C ALA C 30 0.42 -21.81 -12.26
N TYR C 31 -0.56 -21.97 -13.13
CA TYR C 31 -0.57 -21.29 -14.41
C TYR C 31 -0.53 -19.77 -14.17
N GLN C 32 -1.36 -19.31 -13.24
CA GLN C 32 -1.44 -17.89 -12.92
C GLN C 32 -0.15 -17.39 -12.28
N ARG C 33 0.58 -18.29 -11.62
CA ARG C 33 1.85 -17.95 -10.99
C ARG C 33 2.93 -17.74 -12.04
N GLU C 34 2.92 -18.57 -13.07
CA GLU C 34 3.91 -18.48 -14.14
C GLU C 34 3.69 -17.20 -14.94
N LEU C 35 2.44 -16.86 -15.19
CA LEU C 35 2.10 -15.62 -15.89
C LEU C 35 2.62 -14.43 -15.09
N ASP C 36 2.32 -14.42 -13.80
CA ASP C 36 2.79 -13.37 -12.92
C ASP C 36 4.28 -13.13 -13.10
N GLY C 37 5.05 -14.22 -13.17
CA GLY C 37 6.49 -14.15 -13.27
C GLY C 37 6.95 -13.78 -14.67
N LEU C 38 6.18 -14.21 -15.67
CA LEU C 38 6.46 -13.89 -17.06
C LEU C 38 6.24 -12.40 -17.31
N LEU C 39 5.12 -11.89 -16.78
CA LEU C 39 4.77 -10.49 -16.94
C LEU C 39 5.79 -9.58 -16.25
N ALA C 40 6.19 -9.98 -15.04
CA ALA C 40 7.15 -9.21 -14.26
C ALA C 40 8.48 -9.10 -14.98
N THR C 41 8.88 -10.18 -15.64
CA THR C 41 10.16 -10.25 -16.33
C THR C 41 10.15 -9.41 -17.60
N VAL C 42 9.04 -9.44 -18.32
CA VAL C 42 8.91 -8.70 -19.58
C VAL C 42 8.90 -7.20 -19.33
N GLN C 43 8.10 -6.77 -18.36
CA GLN C 43 8.00 -5.35 -18.02
C GLN C 43 9.36 -4.83 -17.56
N ALA C 44 10.10 -5.67 -16.85
CA ALA C 44 11.40 -5.30 -16.34
C ALA C 44 12.41 -5.20 -17.49
N GLN C 45 12.50 -6.26 -18.30
CA GLN C 45 13.40 -6.28 -19.44
C GLN C 45 13.14 -5.10 -20.36
N ALA C 46 11.87 -4.81 -20.58
CA ALA C 46 11.46 -3.78 -21.53
C ALA C 46 11.93 -2.40 -21.07
N SER C 47 11.67 -2.08 -19.80
CA SER C 47 11.98 -0.77 -19.25
C SER C 47 13.49 -0.57 -19.05
N GLN C 48 14.26 -1.64 -19.18
CA GLN C 48 15.69 -1.60 -18.92
C GLN C 48 16.50 -1.69 -20.21
N ILE C 49 15.82 -1.74 -21.34
CA ILE C 49 16.50 -1.80 -22.63
C ILE C 49 17.42 -0.60 -22.82
N THR C 50 18.62 -0.84 -23.32
CA THR C 50 19.58 0.21 -23.61
C THR C 50 20.08 0.09 -25.05
N GLN C 51 20.46 -1.11 -25.45
CA GLN C 51 20.82 -1.39 -26.84
C GLN C 51 19.61 -1.95 -27.55
N ILE C 52 19.76 -2.20 -28.84
CA ILE C 52 18.69 -2.80 -29.62
C ILE C 52 18.69 -4.31 -29.46
N ASP C 53 19.87 -4.87 -29.19
CA ASP C 53 19.99 -6.31 -28.97
C ASP C 53 19.20 -6.75 -27.75
N ASP C 54 19.06 -5.86 -26.78
CA ASP C 54 18.26 -6.14 -25.59
C ASP C 54 16.82 -6.42 -26.00
N LEU C 55 16.37 -5.71 -27.02
CA LEU C 55 15.01 -5.86 -27.52
C LEU C 55 14.84 -7.20 -28.23
N TRP C 56 15.90 -7.64 -28.91
CA TRP C 56 15.87 -8.91 -29.60
C TRP C 56 15.90 -10.06 -28.61
N LYS C 57 16.61 -9.87 -27.50
CA LYS C 57 16.65 -10.85 -26.43
C LYS C 57 15.27 -11.04 -25.85
N LEU C 58 14.60 -9.92 -25.57
CA LEU C 58 13.26 -9.94 -25.02
C LEU C 58 12.33 -10.73 -25.94
N HIS C 59 12.48 -10.50 -27.24
CA HIS C 59 11.65 -11.15 -28.23
C HIS C 59 11.87 -12.66 -28.25
N ASP C 60 13.14 -13.06 -28.18
CA ASP C 60 13.49 -14.47 -28.17
C ASP C 60 12.97 -15.14 -26.90
N PHE C 61 13.05 -14.40 -25.80
CA PHE C 61 12.58 -14.87 -24.51
C PHE C 61 11.08 -15.15 -24.56
N LEU C 62 10.32 -14.18 -25.06
CA LEU C 62 8.88 -14.34 -25.24
C LEU C 62 8.56 -15.51 -26.16
N SER C 63 9.30 -15.61 -27.27
CA SER C 63 9.11 -16.68 -28.23
C SER C 63 9.22 -18.03 -27.53
N ALA C 64 10.30 -18.18 -26.75
CA ALA C 64 10.63 -19.44 -26.10
C ALA C 64 9.58 -19.81 -25.06
N LYS C 65 9.26 -18.86 -24.18
CA LYS C 65 8.34 -19.12 -23.08
C LYS C 65 6.92 -19.38 -23.56
N ARG C 66 6.48 -18.67 -24.58
CA ARG C 66 5.14 -18.84 -25.09
C ARG C 66 4.97 -20.25 -25.66
N HIS C 67 6.03 -20.75 -26.29
CA HIS C 67 6.02 -22.12 -26.79
C HIS C 67 5.99 -23.10 -25.63
N GLU C 68 6.98 -22.98 -24.76
CA GLU C 68 7.09 -23.83 -23.58
C GLU C 68 5.74 -23.95 -22.88
N ILE C 69 5.08 -22.81 -22.70
CA ILE C 69 3.82 -22.75 -21.96
C ILE C 69 2.66 -23.37 -22.73
N ASP C 70 2.63 -23.14 -24.04
CA ASP C 70 1.53 -23.61 -24.87
C ASP C 70 1.28 -25.11 -24.70
N GLY C 71 2.35 -25.87 -24.49
CA GLY C 71 2.23 -27.32 -24.42
C GLY C 71 2.68 -27.91 -23.09
N LYS C 72 2.86 -27.07 -22.08
CA LYS C 72 3.26 -27.54 -20.76
C LYS C 72 2.03 -27.93 -19.92
N TYR C 73 0.97 -27.15 -20.04
CA TYR C 73 -0.20 -27.32 -19.19
C TYR C 73 -1.26 -28.22 -19.82
N ASP C 74 -1.03 -29.52 -19.70
CA ASP C 74 -1.96 -30.53 -20.19
C ASP C 74 -2.81 -31.02 -19.02
N ASP C 75 -4.10 -30.73 -19.07
CA ASP C 75 -5.00 -30.97 -17.94
C ASP C 75 -5.44 -32.42 -17.84
N ARG C 76 -5.14 -33.21 -18.88
CA ARG C 76 -5.64 -34.56 -18.99
C ARG C 76 -5.16 -35.49 -17.86
N GLN C 77 -6.07 -36.32 -17.38
CA GLN C 77 -5.84 -37.14 -16.19
C GLN C 77 -4.66 -38.09 -16.32
N SER C 78 -4.43 -38.57 -17.54
CA SER C 78 -3.36 -39.54 -17.79
C SER C 78 -1.98 -38.90 -17.77
N VAL C 79 -1.95 -37.57 -17.68
CA VAL C 79 -0.69 -36.82 -17.77
C VAL C 79 -0.51 -35.86 -16.59
N ILE C 80 -1.59 -35.53 -15.90
CA ILE C 80 -1.58 -34.52 -14.86
C ILE C 80 -0.43 -34.73 -13.86
N ILE C 81 -0.09 -35.99 -13.63
CA ILE C 81 0.94 -36.34 -12.65
C ILE C 81 2.34 -35.90 -13.09
N PHE C 82 2.62 -36.03 -14.38
CA PHE C 82 3.91 -35.62 -14.92
C PHE C 82 4.03 -34.10 -14.90
N VAL C 83 2.94 -33.41 -15.19
CA VAL C 83 2.92 -31.94 -15.20
C VAL C 83 3.24 -31.42 -13.81
N PHE C 84 2.53 -31.91 -12.80
CA PHE C 84 2.76 -31.51 -11.42
C PHE C 84 4.23 -31.69 -11.06
N ALA C 85 4.85 -32.75 -11.57
CA ALA C 85 6.25 -33.00 -11.33
C ALA C 85 7.12 -31.89 -11.93
N GLN C 86 6.80 -31.51 -13.17
CA GLN C 86 7.53 -30.45 -13.85
C GLN C 86 7.38 -29.14 -13.09
N LEU C 87 6.17 -28.86 -12.64
CA LEU C 87 5.87 -27.64 -11.89
C LEU C 87 6.63 -27.64 -10.57
N LEU C 88 6.69 -28.80 -9.93
CA LEU C 88 7.39 -28.96 -8.67
C LEU C 88 8.88 -28.76 -8.89
N LYS C 89 9.38 -29.32 -9.99
CA LYS C 89 10.79 -29.23 -10.35
C LYS C 89 11.17 -27.79 -10.70
N GLU C 90 10.21 -27.05 -11.23
CA GLU C 90 10.43 -25.66 -11.64
C GLU C 90 10.21 -24.69 -10.49
N GLY C 91 9.56 -25.18 -9.43
CA GLY C 91 9.31 -24.37 -8.24
C GLY C 91 7.99 -23.63 -8.32
N LEU C 92 7.15 -24.00 -9.29
CA LEU C 92 5.86 -23.33 -9.48
C LEU C 92 4.80 -23.88 -8.53
N VAL C 93 5.07 -25.05 -7.96
CA VAL C 93 4.26 -25.56 -6.87
C VAL C 93 5.19 -26.21 -5.86
N GLN C 94 4.76 -26.25 -4.60
CA GLN C 94 5.53 -26.86 -3.54
C GLN C 94 4.92 -28.22 -3.16
N ALA C 95 5.76 -29.11 -2.67
CA ALA C 95 5.32 -30.43 -2.23
C ALA C 95 4.18 -30.30 -1.23
N GLU C 96 4.25 -29.28 -0.39
CA GLU C 96 3.27 -29.07 0.68
C GLU C 96 1.86 -28.87 0.12
N GLU C 97 1.77 -28.53 -1.16
CA GLU C 97 0.48 -28.26 -1.80
C GLU C 97 -0.15 -29.51 -2.41
N LEU C 98 0.53 -30.64 -2.29
CA LEU C 98 0.09 -31.88 -2.91
C LEU C 98 -0.54 -32.84 -1.91
N THR C 99 -0.72 -32.38 -0.68
CA THR C 99 -1.19 -33.24 0.41
C THR C 99 -2.63 -33.70 0.23
N PHE C 100 -3.38 -32.99 -0.61
CA PHE C 100 -4.77 -33.34 -0.88
C PHE C 100 -4.87 -34.57 -1.76
N LEU C 101 -3.72 -35.05 -2.24
CA LEU C 101 -3.67 -36.22 -3.10
C LEU C 101 -3.36 -37.48 -2.29
N ALA C 102 -3.69 -38.63 -2.86
CA ALA C 102 -3.34 -39.91 -2.26
C ALA C 102 -1.84 -39.99 -2.08
N ALA C 103 -1.42 -40.64 -0.99
CA ALA C 103 0.00 -40.76 -0.66
C ALA C 103 0.82 -41.26 -1.86
N ASP C 104 0.27 -42.21 -2.60
CA ASP C 104 0.98 -42.84 -3.70
C ASP C 104 1.14 -41.86 -4.88
N LYS C 105 0.20 -40.95 -5.02
CA LYS C 105 0.26 -39.95 -6.08
C LYS C 105 1.36 -38.93 -5.80
N GLN C 106 1.49 -38.53 -4.54
CA GLN C 106 2.49 -37.56 -4.14
C GLN C 106 3.90 -38.10 -4.39
N SER C 107 4.17 -39.30 -3.90
CA SER C 107 5.47 -39.92 -4.06
C SER C 107 5.83 -40.03 -5.53
N LYS C 108 4.87 -40.50 -6.32
CA LYS C 108 5.05 -40.67 -7.75
C LYS C 108 5.55 -39.35 -8.37
N ILE C 109 4.89 -38.27 -7.99
CA ILE C 109 5.21 -36.94 -8.51
C ILE C 109 6.61 -36.51 -8.12
N LYS C 110 6.95 -36.68 -6.85
CA LYS C 110 8.25 -36.26 -6.32
C LYS C 110 9.37 -37.07 -6.97
N ALA C 111 9.03 -38.27 -7.44
CA ALA C 111 10.00 -39.13 -8.11
C ALA C 111 10.22 -38.65 -9.54
N LEU C 112 9.13 -38.42 -10.25
CA LEU C 112 9.20 -37.94 -11.63
C LEU C 112 9.94 -36.62 -11.72
N ALA C 113 9.81 -35.82 -10.67
CA ALA C 113 10.45 -34.51 -10.63
C ALA C 113 11.97 -34.62 -10.73
N ARG C 114 12.51 -35.77 -10.35
CA ARG C 114 13.96 -35.96 -10.31
C ARG C 114 14.50 -36.48 -11.65
N LEU C 115 13.61 -36.64 -12.63
CA LEU C 115 14.01 -37.08 -13.95
C LEU C 115 14.55 -35.91 -14.77
N ALA D 18 39.94 -23.69 12.15
CA ALA D 18 41.17 -22.88 12.22
C ALA D 18 40.83 -21.40 11.98
N GLU D 19 40.74 -21.03 10.71
CA GLU D 19 40.37 -19.67 10.34
C GLU D 19 39.00 -19.34 10.94
N THR D 20 38.13 -20.35 10.93
CA THR D 20 36.76 -20.20 11.41
C THR D 20 36.69 -19.55 12.79
N GLN D 21 37.46 -20.08 13.73
CA GLN D 21 37.47 -19.56 15.10
C GLN D 21 37.69 -18.05 15.08
N SER D 22 38.75 -17.62 14.41
CA SER D 22 39.08 -16.20 14.31
C SER D 22 37.93 -15.42 13.68
N ALA D 23 37.22 -16.05 12.76
CA ALA D 23 36.11 -15.40 12.05
C ALA D 23 34.97 -15.04 12.99
N HIS D 24 34.39 -16.06 13.62
CA HIS D 24 33.26 -15.88 14.52
C HIS D 24 33.57 -14.83 15.59
N ALA D 25 34.85 -14.66 15.90
CA ALA D 25 35.28 -13.70 16.90
C ALA D 25 35.06 -12.28 16.41
N LEU D 26 35.55 -11.99 15.21
CA LEU D 26 35.45 -10.65 14.64
C LEU D 26 33.98 -10.27 14.37
N PHE D 27 33.14 -11.29 14.21
CA PHE D 27 31.71 -11.07 14.00
C PHE D 27 31.06 -10.56 15.27
N ARG D 28 31.37 -11.19 16.41
CA ARG D 28 30.83 -10.77 17.69
C ARG D 28 31.31 -9.36 18.02
N LYS D 29 32.50 -9.01 17.54
CA LYS D 29 33.09 -7.71 17.84
C LYS D 29 32.41 -6.59 17.06
N ALA D 30 32.40 -6.72 15.74
CA ALA D 30 31.75 -5.75 14.87
C ALA D 30 30.28 -5.61 15.25
N TYR D 31 29.67 -6.72 15.63
CA TYR D 31 28.28 -6.74 16.10
C TYR D 31 28.12 -5.79 17.28
N GLN D 32 29.08 -5.81 18.20
CA GLN D 32 29.07 -4.91 19.34
C GLN D 32 29.31 -3.47 18.89
N ARG D 33 30.18 -3.29 17.90
CA ARG D 33 30.47 -1.97 17.37
C ARG D 33 29.21 -1.35 16.77
N GLU D 34 28.44 -2.17 16.06
CA GLU D 34 27.22 -1.71 15.42
C GLU D 34 26.13 -1.49 16.45
N LEU D 35 26.05 -2.41 17.42
CA LEU D 35 25.08 -2.31 18.50
C LEU D 35 25.36 -1.06 19.34
N ASP D 36 26.59 -0.94 19.82
CA ASP D 36 26.98 0.20 20.64
C ASP D 36 26.71 1.52 19.92
N GLY D 37 27.12 1.59 18.65
CA GLY D 37 26.92 2.77 17.85
C GLY D 37 25.45 3.08 17.65
N LEU D 38 24.72 2.11 17.09
CA LEU D 38 23.29 2.24 16.88
C LEU D 38 22.60 2.62 18.19
N LEU D 39 22.93 1.89 19.24
CA LEU D 39 22.34 2.10 20.55
C LEU D 39 22.56 3.55 21.02
N ALA D 40 23.71 4.11 20.67
CA ALA D 40 24.06 5.47 21.06
C ALA D 40 23.19 6.49 20.33
N THR D 41 23.08 6.32 19.01
CA THR D 41 22.33 7.26 18.17
C THR D 41 20.84 7.26 18.52
N VAL D 42 20.40 6.23 19.23
CA VAL D 42 18.99 6.09 19.60
C VAL D 42 18.67 6.88 20.87
N GLN D 43 19.60 6.89 21.82
CA GLN D 43 19.43 7.63 23.06
C GLN D 43 19.39 9.13 22.76
N ALA D 44 20.37 9.59 21.99
CA ALA D 44 20.49 11.00 21.64
C ALA D 44 19.26 11.46 20.86
N GLN D 45 18.91 10.70 19.84
CA GLN D 45 17.79 11.04 18.96
C GLN D 45 16.47 11.09 19.72
N ALA D 46 16.40 10.38 20.84
CA ALA D 46 15.18 10.28 21.63
C ALA D 46 15.06 11.45 22.59
N SER D 47 16.14 11.74 23.31
CA SER D 47 16.12 12.75 24.38
C SER D 47 15.77 14.14 23.86
N GLN D 48 16.07 14.40 22.59
CA GLN D 48 15.90 15.73 22.03
C GLN D 48 14.49 15.98 21.50
N ILE D 49 13.89 14.96 20.90
CA ILE D 49 12.59 15.13 20.26
C ILE D 49 11.49 15.39 21.29
N THR D 50 10.52 16.19 20.87
CA THR D 50 9.40 16.56 21.72
C THR D 50 8.11 16.54 20.89
N GLN D 51 8.15 15.83 19.77
CA GLN D 51 7.02 15.78 18.86
C GLN D 51 6.83 14.34 18.38
N ILE D 52 5.58 13.92 18.26
CA ILE D 52 5.28 12.56 17.83
C ILE D 52 5.92 12.24 16.49
N ASP D 53 5.77 13.13 15.52
CA ASP D 53 6.37 12.94 14.21
C ASP D 53 7.83 12.53 14.39
N ASP D 54 8.55 13.26 15.23
CA ASP D 54 9.95 12.98 15.50
C ASP D 54 10.09 11.62 16.17
N LEU D 55 9.08 11.23 16.94
CA LEU D 55 9.06 9.92 17.59
C LEU D 55 8.78 8.81 16.57
N TRP D 56 7.88 9.10 15.63
CA TRP D 56 7.58 8.19 14.54
C TRP D 56 8.82 8.03 13.65
N LYS D 57 9.60 9.09 13.53
CA LYS D 57 10.85 9.03 12.79
C LYS D 57 11.74 7.96 13.42
N LEU D 58 11.88 8.04 14.74
CA LEU D 58 12.69 7.09 15.49
C LEU D 58 12.14 5.68 15.32
N HIS D 59 10.82 5.56 15.29
CA HIS D 59 10.18 4.27 15.11
C HIS D 59 10.49 3.70 13.73
N ASP D 60 10.31 4.54 12.70
CA ASP D 60 10.59 4.14 11.32
C ASP D 60 12.08 3.83 11.18
N PHE D 61 12.89 4.53 11.96
CA PHE D 61 14.33 4.32 11.97
C PHE D 61 14.68 2.91 12.48
N LEU D 62 14.01 2.50 13.55
CA LEU D 62 14.24 1.18 14.14
C LEU D 62 13.72 0.07 13.22
N SER D 63 12.58 0.32 12.58
CA SER D 63 12.00 -0.65 11.65
C SER D 63 13.01 -1.03 10.57
N ALA D 64 13.71 -0.02 10.06
CA ALA D 64 14.69 -0.22 8.99
C ALA D 64 15.91 -0.98 9.50
N LYS D 65 16.51 -0.48 10.58
CA LYS D 65 17.73 -1.07 11.12
C LYS D 65 17.50 -2.51 11.55
N ARG D 66 16.26 -2.85 11.86
CA ARG D 66 15.92 -4.21 12.25
C ARG D 66 15.87 -5.13 11.03
N HIS D 67 15.52 -4.55 9.88
CA HIS D 67 15.46 -5.30 8.63
C HIS D 67 16.85 -5.46 8.02
N GLU D 68 17.72 -4.49 8.28
CA GLU D 68 19.08 -4.50 7.74
C GLU D 68 19.97 -5.47 8.52
N ILE D 69 19.63 -5.66 9.79
CA ILE D 69 20.46 -6.48 10.68
C ILE D 69 19.98 -7.92 10.76
N ASP D 70 18.68 -8.12 10.75
CA ASP D 70 18.10 -9.46 10.88
C ASP D 70 18.77 -10.44 9.92
N GLY D 71 19.62 -11.32 10.48
CA GLY D 71 20.28 -12.35 9.69
C GLY D 71 21.71 -11.99 9.33
N LYS D 72 22.02 -10.69 9.37
CA LYS D 72 23.34 -10.21 8.99
C LYS D 72 24.47 -10.96 9.69
N TYR D 73 24.26 -11.25 10.97
CA TYR D 73 25.26 -11.96 11.78
C TYR D 73 24.75 -13.36 12.14
N ASP D 74 24.80 -14.27 11.18
CA ASP D 74 24.38 -15.64 11.41
C ASP D 74 25.47 -16.60 10.95
N ASP D 75 25.62 -17.71 11.67
CA ASP D 75 26.61 -18.71 11.31
C ASP D 75 26.35 -19.20 9.89
N ARG D 76 26.76 -18.38 8.93
CA ARG D 76 26.59 -18.69 7.52
C ARG D 76 27.85 -19.41 7.03
N GLN D 77 27.71 -20.15 5.95
CA GLN D 77 28.82 -20.95 5.43
C GLN D 77 29.68 -20.18 4.43
N SER D 78 29.09 -19.84 3.29
CA SER D 78 29.82 -19.23 2.19
C SER D 78 29.64 -17.71 2.17
N VAL D 79 28.38 -17.29 2.12
CA VAL D 79 28.02 -15.87 2.05
C VAL D 79 28.85 -14.99 2.98
N ILE D 80 29.31 -15.56 4.08
CA ILE D 80 30.09 -14.82 5.07
C ILE D 80 31.15 -13.95 4.41
N ILE D 81 31.69 -14.43 3.30
CA ILE D 81 32.73 -13.71 2.57
C ILE D 81 32.23 -12.33 2.16
N PHE D 82 31.00 -12.25 1.66
CA PHE D 82 30.42 -11.00 1.22
C PHE D 82 30.12 -10.10 2.42
N VAL D 83 29.73 -10.73 3.53
CA VAL D 83 29.41 -9.99 4.74
C VAL D 83 30.66 -9.28 5.26
N PHE D 84 31.79 -9.96 5.23
CA PHE D 84 33.05 -9.37 5.67
C PHE D 84 33.33 -8.08 4.92
N ALA D 85 33.19 -8.13 3.59
CA ALA D 85 33.44 -6.97 2.74
C ALA D 85 32.49 -5.85 3.10
N GLN D 86 31.29 -6.21 3.56
CA GLN D 86 30.28 -5.23 3.92
C GLN D 86 30.67 -4.54 5.23
N LEU D 87 31.00 -5.34 6.23
CA LEU D 87 31.41 -4.82 7.53
C LEU D 87 32.62 -3.92 7.36
N LEU D 88 33.55 -4.33 6.50
CA LEU D 88 34.73 -3.55 6.22
C LEU D 88 34.35 -2.23 5.54
N LYS D 89 33.42 -2.33 4.59
CA LYS D 89 32.95 -1.15 3.87
C LYS D 89 32.25 -0.18 4.82
N GLU D 90 31.40 -0.72 5.68
CA GLU D 90 30.62 0.08 6.62
C GLU D 90 31.51 0.73 7.66
N GLY D 91 32.60 0.05 8.02
CA GLY D 91 33.55 0.58 8.97
C GLY D 91 33.50 -0.12 10.32
N LEU D 92 32.85 -1.28 10.35
CA LEU D 92 32.76 -2.07 11.58
C LEU D 92 33.95 -3.02 11.68
N VAL D 93 34.86 -2.91 10.73
CA VAL D 93 36.03 -3.79 10.65
C VAL D 93 37.15 -3.09 9.89
N GLN D 94 38.39 -3.43 10.25
CA GLN D 94 39.56 -2.84 9.59
C GLN D 94 40.38 -3.93 8.90
N ALA D 95 41.05 -3.56 7.80
CA ALA D 95 41.81 -4.51 6.99
C ALA D 95 42.82 -5.31 7.82
N GLU D 96 43.57 -4.60 8.66
CA GLU D 96 44.59 -5.24 9.50
C GLU D 96 43.98 -6.29 10.42
N GLU D 97 42.67 -6.17 10.65
CA GLU D 97 41.95 -7.11 11.50
C GLU D 97 41.62 -8.40 10.73
N LEU D 98 41.87 -8.38 9.43
CA LEU D 98 41.63 -9.54 8.57
C LEU D 98 42.95 -10.12 8.11
N THR D 99 43.68 -10.74 9.02
CA THR D 99 45.00 -11.28 8.75
C THR D 99 45.11 -12.75 9.15
N PHE D 100 44.04 -13.29 9.71
CA PHE D 100 44.00 -14.69 10.13
C PHE D 100 43.47 -15.55 9.00
N LEU D 101 43.16 -14.93 7.87
CA LEU D 101 42.71 -15.65 6.69
C LEU D 101 43.79 -15.62 5.61
N ALA D 102 43.68 -16.53 4.66
CA ALA D 102 44.64 -16.60 3.55
C ALA D 102 44.71 -15.25 2.83
N ALA D 103 45.80 -15.02 2.13
CA ALA D 103 46.03 -13.77 1.41
C ALA D 103 44.96 -13.54 0.34
N ASP D 104 44.64 -14.61 -0.38
CA ASP D 104 43.67 -14.53 -1.47
C ASP D 104 42.30 -14.09 -0.97
N LYS D 105 41.90 -14.63 0.18
CA LYS D 105 40.59 -14.35 0.75
C LYS D 105 40.54 -12.91 1.27
N GLN D 106 41.69 -12.40 1.68
CA GLN D 106 41.78 -11.04 2.20
C GLN D 106 41.68 -10.02 1.06
N SER D 107 42.41 -10.27 -0.02
CA SER D 107 42.39 -9.40 -1.18
C SER D 107 40.99 -9.40 -1.79
N LYS D 108 40.38 -10.58 -1.83
CA LYS D 108 39.03 -10.73 -2.38
C LYS D 108 38.06 -9.81 -1.63
N ILE D 109 38.15 -9.83 -0.31
CA ILE D 109 37.28 -9.02 0.54
C ILE D 109 37.47 -7.53 0.30
N LYS D 110 38.73 -7.10 0.20
CA LYS D 110 39.04 -5.70 -0.03
C LYS D 110 38.45 -5.22 -1.35
N ALA D 111 38.35 -6.14 -2.30
CA ALA D 111 37.82 -5.83 -3.62
C ALA D 111 36.29 -5.80 -3.59
N LEU D 112 35.71 -6.75 -2.87
CA LEU D 112 34.26 -6.84 -2.73
C LEU D 112 33.70 -5.67 -1.92
N ALA D 113 34.58 -4.94 -1.25
CA ALA D 113 34.18 -3.82 -0.42
C ALA D 113 34.20 -2.51 -1.23
N ARG D 114 33.93 -2.61 -2.53
CA ARG D 114 33.87 -1.44 -3.38
C ARG D 114 32.75 -1.58 -4.40
N ALA E 18 1.96 1.88 8.41
CA ALA E 18 2.59 2.14 7.12
C ALA E 18 1.87 3.29 6.40
N GLU E 19 1.82 3.23 5.08
CA GLU E 19 1.17 4.27 4.29
C GLU E 19 -0.31 3.95 4.10
N THR E 20 -0.79 2.96 4.83
CA THR E 20 -2.18 2.54 4.75
C THR E 20 -3.10 3.61 5.35
N GLN E 21 -2.56 4.40 6.27
CA GLN E 21 -3.34 5.44 6.94
C GLN E 21 -3.63 6.59 5.99
N SER E 22 -2.66 6.91 5.15
CA SER E 22 -2.79 8.00 4.18
C SER E 22 -3.87 7.65 3.15
N ALA E 23 -4.12 6.35 2.96
CA ALA E 23 -5.16 5.89 2.06
C ALA E 23 -6.52 6.12 2.72
N HIS E 24 -6.68 5.55 3.91
CA HIS E 24 -7.90 5.74 4.69
C HIS E 24 -8.17 7.23 4.92
N ALA E 25 -7.12 8.03 4.86
CA ALA E 25 -7.24 9.48 5.03
C ALA E 25 -7.93 10.09 3.82
N LEU E 26 -7.39 9.79 2.64
CA LEU E 26 -7.97 10.28 1.38
C LEU E 26 -9.36 9.71 1.20
N PHE E 27 -9.54 8.47 1.64
CA PHE E 27 -10.83 7.78 1.55
C PHE E 27 -11.85 8.48 2.45
N ARG E 28 -11.34 9.19 3.46
CA ARG E 28 -12.18 9.92 4.40
C ARG E 28 -12.53 11.30 3.84
N LYS E 29 -11.62 11.81 3.03
CA LYS E 29 -11.75 13.14 2.43
C LYS E 29 -12.67 13.10 1.22
N ALA E 30 -12.57 12.01 0.45
CA ALA E 30 -13.34 11.85 -0.77
C ALA E 30 -14.82 11.74 -0.43
N TYR E 31 -15.12 11.10 0.69
CA TYR E 31 -16.48 10.91 1.13
C TYR E 31 -17.11 12.25 1.52
N GLN E 32 -16.35 13.06 2.26
CA GLN E 32 -16.80 14.38 2.69
C GLN E 32 -16.88 15.34 1.51
N ARG E 33 -16.17 15.02 0.44
CA ARG E 33 -16.20 15.83 -0.77
C ARG E 33 -17.58 15.72 -1.41
N GLU E 34 -18.03 14.48 -1.61
CA GLU E 34 -19.29 14.21 -2.27
C GLU E 34 -20.47 14.49 -1.35
N LEU E 35 -20.24 14.28 -0.06
CA LEU E 35 -21.28 14.54 0.94
C LEU E 35 -21.63 16.02 0.96
N ASP E 36 -20.61 16.86 1.11
CA ASP E 36 -20.80 18.30 1.08
C ASP E 36 -21.49 18.72 -0.21
N GLY E 37 -21.13 18.06 -1.31
CA GLY E 37 -21.71 18.36 -2.61
C GLY E 37 -23.15 17.89 -2.68
N LEU E 38 -23.44 16.78 -2.01
CA LEU E 38 -24.79 16.22 -1.97
C LEU E 38 -25.72 17.15 -1.20
N LEU E 39 -25.20 17.76 -0.14
CA LEU E 39 -25.96 18.70 0.68
C LEU E 39 -26.12 20.04 -0.04
N ALA E 40 -25.11 20.42 -0.81
CA ALA E 40 -25.15 21.67 -1.56
C ALA E 40 -26.14 21.56 -2.71
N THR E 41 -26.27 20.36 -3.25
CA THR E 41 -27.20 20.10 -4.33
C THR E 41 -28.63 20.18 -3.82
N VAL E 42 -28.83 19.64 -2.61
CA VAL E 42 -30.12 19.71 -1.94
C VAL E 42 -30.47 21.15 -1.61
N GLN E 43 -29.46 21.91 -1.22
CA GLN E 43 -29.63 23.30 -0.85
C GLN E 43 -29.99 24.15 -2.07
N ALA E 44 -29.50 23.73 -3.24
CA ALA E 44 -29.77 24.44 -4.48
C ALA E 44 -31.17 24.09 -4.96
N GLN E 45 -31.59 22.85 -4.71
CA GLN E 45 -32.93 22.42 -5.02
C GLN E 45 -33.93 23.36 -4.37
N ALA E 46 -33.71 23.64 -3.09
CA ALA E 46 -34.58 24.49 -2.30
C ALA E 46 -34.66 25.90 -2.89
N SER E 47 -33.50 26.45 -3.23
CA SER E 47 -33.44 27.80 -3.79
C SER E 47 -34.18 27.87 -5.12
N GLN E 48 -34.04 26.83 -5.93
CA GLN E 48 -34.74 26.75 -7.21
C GLN E 48 -36.24 26.69 -6.99
N ILE E 49 -36.65 25.96 -5.95
CA ILE E 49 -38.05 25.83 -5.59
C ILE E 49 -38.58 27.17 -5.11
N THR E 50 -37.79 27.85 -4.30
CA THR E 50 -38.19 29.13 -3.74
C THR E 50 -38.36 30.17 -4.84
N GLN E 51 -37.47 30.14 -5.82
CA GLN E 51 -37.47 31.16 -6.87
C GLN E 51 -38.50 30.88 -7.96
N ILE E 52 -38.85 29.62 -8.15
CA ILE E 52 -39.91 29.25 -9.07
C ILE E 52 -41.25 29.65 -8.46
N ASP E 53 -41.31 29.66 -7.13
CA ASP E 53 -42.47 30.17 -6.42
C ASP E 53 -42.55 31.68 -6.63
N ASP E 54 -41.40 32.35 -6.52
CA ASP E 54 -41.33 33.78 -6.72
C ASP E 54 -41.84 34.13 -8.11
N LEU E 55 -41.41 33.37 -9.10
CA LEU E 55 -41.87 33.55 -10.47
C LEU E 55 -43.40 33.51 -10.52
N TRP E 56 -43.94 32.48 -9.86
CA TRP E 56 -45.38 32.25 -9.84
C TRP E 56 -46.12 33.40 -9.16
N LYS E 57 -45.58 33.87 -8.04
CA LYS E 57 -46.21 34.92 -7.25
C LYS E 57 -46.10 36.28 -7.91
N LEU E 58 -44.93 36.59 -8.47
CA LEU E 58 -44.69 37.85 -9.15
C LEU E 58 -45.63 37.98 -10.35
N HIS E 59 -45.76 36.87 -11.08
CA HIS E 59 -46.67 36.81 -12.21
C HIS E 59 -48.08 37.13 -11.77
N ASP E 60 -48.50 36.49 -10.68
CA ASP E 60 -49.81 36.72 -10.09
C ASP E 60 -49.97 38.19 -9.72
N PHE E 61 -48.95 38.74 -9.06
CA PHE E 61 -48.96 40.12 -8.60
C PHE E 61 -49.10 41.10 -9.76
N LEU E 62 -48.66 40.68 -10.93
CA LEU E 62 -48.69 41.52 -12.12
C LEU E 62 -50.04 41.44 -12.83
N SER E 63 -50.76 40.34 -12.60
CA SER E 63 -52.05 40.11 -13.25
C SER E 63 -53.20 40.58 -12.35
N ALA E 64 -52.94 40.67 -11.06
CA ALA E 64 -53.95 41.11 -10.09
C ALA E 64 -54.09 42.62 -10.09
N TYR E 73 -52.56 43.00 -17.79
CA TYR E 73 -51.48 43.30 -16.87
C TYR E 73 -51.66 44.67 -16.22
N ASP E 74 -51.00 44.86 -15.08
CA ASP E 74 -51.08 46.13 -14.36
C ASP E 74 -50.41 47.24 -15.15
N ASP E 75 -51.05 48.40 -15.21
CA ASP E 75 -50.58 49.51 -16.03
C ASP E 75 -49.66 50.46 -15.26
N ARG E 76 -49.64 50.34 -13.94
CA ARG E 76 -48.74 51.15 -13.12
C ARG E 76 -47.30 50.82 -13.45
N GLN E 77 -46.52 51.85 -13.73
CA GLN E 77 -45.12 51.68 -14.12
C GLN E 77 -44.31 51.09 -12.97
N SER E 78 -44.71 51.41 -11.75
CA SER E 78 -43.98 50.97 -10.57
C SER E 78 -44.05 49.45 -10.39
N VAL E 79 -45.21 48.88 -10.69
CA VAL E 79 -45.43 47.45 -10.54
C VAL E 79 -44.67 46.67 -11.60
N ILE E 80 -44.73 47.16 -12.83
CA ILE E 80 -44.09 46.50 -13.96
C ILE E 80 -42.59 46.42 -13.73
N ILE E 81 -42.01 47.52 -13.25
CA ILE E 81 -40.57 47.60 -13.04
C ILE E 81 -40.12 46.72 -11.87
N PHE E 82 -40.87 46.75 -10.77
CA PHE E 82 -40.53 45.96 -9.60
C PHE E 82 -40.50 44.47 -9.95
N VAL E 83 -41.55 44.00 -10.61
CA VAL E 83 -41.66 42.59 -10.97
C VAL E 83 -40.47 42.14 -11.81
N PHE E 84 -40.26 42.78 -12.95
CA PHE E 84 -39.23 42.36 -13.88
C PHE E 84 -37.82 42.58 -13.32
N ALA E 85 -37.65 43.61 -12.49
CA ALA E 85 -36.36 43.86 -11.86
C ALA E 85 -36.04 42.72 -10.90
N GLN E 86 -37.07 42.26 -10.21
CA GLN E 86 -36.92 41.16 -9.26
C GLN E 86 -36.58 39.87 -10.00
N LEU E 87 -37.30 39.63 -11.10
CA LEU E 87 -37.06 38.46 -11.92
C LEU E 87 -35.63 38.46 -12.44
N LEU E 88 -35.19 39.63 -12.91
CA LEU E 88 -33.86 39.78 -13.46
C LEU E 88 -32.80 39.55 -12.39
N LYS E 89 -33.08 40.04 -11.19
CA LYS E 89 -32.14 39.93 -10.08
C LYS E 89 -31.94 38.47 -9.65
N GLU E 90 -33.01 37.68 -9.76
CA GLU E 90 -32.96 36.29 -9.33
C GLU E 90 -32.52 35.36 -10.46
N GLY E 91 -32.23 35.94 -11.63
CA GLY E 91 -31.75 35.17 -12.77
C GLY E 91 -32.86 34.39 -13.44
N LEU E 92 -34.11 34.78 -13.19
CA LEU E 92 -35.26 34.10 -13.76
C LEU E 92 -35.54 34.58 -15.18
N VAL E 93 -35.01 35.75 -15.52
CA VAL E 93 -35.02 36.23 -16.89
C VAL E 93 -33.70 36.91 -17.18
N GLN E 94 -33.37 37.05 -18.47
CA GLN E 94 -32.17 37.73 -18.89
C GLN E 94 -32.54 39.11 -19.41
N ALA E 95 -31.63 40.06 -19.26
CA ALA E 95 -31.86 41.43 -19.70
C ALA E 95 -32.33 41.48 -21.15
N GLU E 96 -31.69 40.67 -22.00
CA GLU E 96 -31.99 40.66 -23.42
C GLU E 96 -33.44 40.28 -23.70
N GLU E 97 -34.08 39.63 -22.73
CA GLU E 97 -35.46 39.19 -22.88
C GLU E 97 -36.46 40.31 -22.53
N LEU E 98 -35.94 41.46 -22.14
CA LEU E 98 -36.78 42.59 -21.75
C LEU E 98 -36.75 43.71 -22.79
N THR E 99 -36.34 43.38 -24.01
CA THR E 99 -36.26 44.37 -25.08
C THR E 99 -37.64 44.80 -25.57
N PHE E 100 -38.65 44.03 -25.22
CA PHE E 100 -40.02 44.31 -25.65
C PHE E 100 -40.64 45.42 -24.80
N LEU E 101 -39.86 45.93 -23.84
CA LEU E 101 -40.31 47.03 -23.00
C LEU E 101 -39.71 48.35 -23.44
N ALA E 102 -40.27 49.45 -22.94
CA ALA E 102 -39.73 50.77 -23.22
C ALA E 102 -38.30 50.88 -22.71
N ALA E 103 -37.48 51.65 -23.42
CA ALA E 103 -36.06 51.80 -23.07
C ALA E 103 -35.87 52.31 -21.65
N ASP E 104 -36.69 53.30 -21.26
CA ASP E 104 -36.58 53.89 -19.93
C ASP E 104 -36.88 52.83 -18.85
N LYS E 105 -37.83 51.95 -19.14
CA LYS E 105 -38.19 50.89 -18.21
C LYS E 105 -37.02 49.93 -18.01
N GLN E 106 -36.40 49.52 -19.12
CA GLN E 106 -35.29 48.58 -19.06
C GLN E 106 -34.14 49.15 -18.24
N SER E 107 -33.94 50.46 -18.35
CA SER E 107 -32.89 51.14 -17.59
C SER E 107 -33.15 51.03 -16.10
N LYS E 108 -34.34 51.48 -15.70
CA LYS E 108 -34.74 51.46 -14.29
C LYS E 108 -34.72 50.03 -13.75
N ILE E 109 -35.06 49.07 -14.60
CA ILE E 109 -35.10 47.67 -14.21
C ILE E 109 -33.69 47.14 -13.94
N LYS E 110 -32.78 47.37 -14.89
CA LYS E 110 -31.40 46.96 -14.72
C LYS E 110 -30.81 47.57 -13.45
N ALA E 111 -31.10 48.85 -13.22
CA ALA E 111 -30.59 49.56 -12.05
C ALA E 111 -31.09 48.92 -10.76
N LEU E 112 -32.40 48.86 -10.60
CA LEU E 112 -33.01 48.30 -9.40
C LEU E 112 -32.57 46.87 -9.15
N ALA E 113 -32.31 46.13 -10.24
CA ALA E 113 -31.89 44.74 -10.14
C ALA E 113 -30.54 44.60 -9.42
N ARG E 114 -29.77 45.69 -9.39
CA ARG E 114 -28.45 45.69 -8.74
C ARG E 114 -28.54 45.95 -7.24
N LEU E 115 -29.72 46.38 -6.79
CA LEU E 115 -29.96 46.60 -5.37
C LEU E 115 -30.63 45.38 -4.76
N PRO F 14 -49.99 52.77 -20.68
CA PRO F 14 -50.90 51.81 -21.31
C PRO F 14 -50.20 50.55 -21.78
N TRP F 15 -50.79 49.40 -21.49
CA TRP F 15 -50.19 48.12 -21.87
C TRP F 15 -50.48 47.78 -23.33
N SER F 16 -49.43 47.78 -24.15
CA SER F 16 -49.56 47.43 -25.55
C SER F 16 -50.10 46.02 -25.70
N GLN F 17 -50.47 45.66 -26.93
CA GLN F 17 -50.97 44.34 -27.23
C GLN F 17 -49.80 43.40 -27.55
N ALA F 18 -48.76 43.97 -28.14
CA ALA F 18 -47.56 43.21 -28.50
C ALA F 18 -46.67 43.03 -27.28
N GLU F 19 -46.77 43.96 -26.34
CA GLU F 19 -46.00 43.88 -25.10
C GLU F 19 -46.62 42.85 -24.18
N THR F 20 -47.95 42.86 -24.11
CA THR F 20 -48.70 41.90 -23.30
C THR F 20 -48.40 40.48 -23.73
N GLN F 21 -48.29 40.28 -25.04
CA GLN F 21 -48.07 38.96 -25.60
C GLN F 21 -46.63 38.50 -25.38
N SER F 22 -45.69 39.42 -25.53
CA SER F 22 -44.28 39.12 -25.35
C SER F 22 -43.98 38.76 -23.89
N ALA F 23 -44.73 39.36 -22.97
CA ALA F 23 -44.56 39.10 -21.55
C ALA F 23 -45.15 37.74 -21.20
N HIS F 24 -46.36 37.49 -21.70
CA HIS F 24 -47.04 36.23 -21.44
C HIS F 24 -46.19 35.06 -21.93
N ALA F 25 -45.44 35.30 -23.00
CA ALA F 25 -44.61 34.27 -23.61
C ALA F 25 -43.34 34.05 -22.80
N LEU F 26 -42.81 35.13 -22.23
CA LEU F 26 -41.58 35.05 -21.46
C LEU F 26 -41.80 34.31 -20.14
N PHE F 27 -42.95 34.56 -19.51
CA PHE F 27 -43.29 33.88 -18.27
C PHE F 27 -43.37 32.37 -18.48
N ARG F 28 -43.94 31.96 -19.60
CA ARG F 28 -44.06 30.55 -19.93
C ARG F 28 -42.69 29.95 -20.20
N LYS F 29 -41.89 30.67 -20.97
CA LYS F 29 -40.54 30.22 -21.32
C LYS F 29 -39.67 30.10 -20.07
N ALA F 30 -39.86 31.04 -19.14
CA ALA F 30 -39.06 31.11 -17.92
C ALA F 30 -39.48 30.01 -16.97
N TYR F 31 -40.77 29.74 -16.92
CA TYR F 31 -41.31 28.72 -16.03
C TYR F 31 -40.82 27.34 -16.44
N GLN F 32 -40.83 27.09 -17.74
CA GLN F 32 -40.50 25.77 -18.26
C GLN F 32 -39.02 25.43 -18.05
N ARG F 33 -38.16 26.43 -18.14
CA ARG F 33 -36.72 26.20 -18.01
C ARG F 33 -36.31 26.13 -16.55
N GLU F 34 -37.10 26.74 -15.67
CA GLU F 34 -36.89 26.62 -14.24
C GLU F 34 -37.30 25.24 -13.78
N LEU F 35 -38.41 24.76 -14.33
CA LEU F 35 -38.90 23.43 -14.03
C LEU F 35 -37.94 22.37 -14.54
N ASP F 36 -37.44 22.58 -15.76
CA ASP F 36 -36.48 21.67 -16.35
C ASP F 36 -35.22 21.63 -15.50
N GLY F 37 -34.69 22.80 -15.18
CA GLY F 37 -33.51 22.90 -14.35
C GLY F 37 -33.71 22.20 -13.02
N LEU F 38 -34.95 22.22 -12.56
CA LEU F 38 -35.31 21.62 -11.28
C LEU F 38 -35.23 20.09 -11.35
N LEU F 39 -35.59 19.55 -12.50
CA LEU F 39 -35.52 18.10 -12.73
C LEU F 39 -34.08 17.66 -12.88
N ALA F 40 -33.31 18.44 -13.63
CA ALA F 40 -31.90 18.15 -13.85
C ALA F 40 -31.18 18.04 -12.52
N THR F 41 -31.58 18.87 -11.57
CA THR F 41 -30.94 18.93 -10.26
C THR F 41 -31.27 17.69 -9.44
N VAL F 42 -32.47 17.14 -9.65
CA VAL F 42 -32.91 15.96 -8.94
C VAL F 42 -32.22 14.72 -9.48
N GLN F 43 -32.09 14.64 -10.80
CA GLN F 43 -31.38 13.55 -11.44
C GLN F 43 -29.92 13.56 -10.99
N ALA F 44 -29.41 14.75 -10.71
CA ALA F 44 -28.04 14.90 -10.24
C ALA F 44 -27.87 14.23 -8.89
N GLN F 45 -28.72 14.59 -7.94
CA GLN F 45 -28.67 13.99 -6.61
C GLN F 45 -28.64 12.47 -6.73
N ALA F 46 -29.56 11.94 -7.53
CA ALA F 46 -29.67 10.51 -7.73
C ALA F 46 -28.31 9.90 -8.07
N SER F 47 -27.61 10.52 -9.01
CA SER F 47 -26.31 10.02 -9.44
C SER F 47 -25.25 10.23 -8.37
N GLN F 48 -25.36 11.31 -7.63
CA GLN F 48 -24.44 11.60 -6.53
C GLN F 48 -24.61 10.58 -5.43
N ILE F 49 -25.86 10.17 -5.22
CA ILE F 49 -26.18 9.17 -4.22
C ILE F 49 -25.60 7.82 -4.64
N THR F 50 -25.69 7.52 -5.93
CA THR F 50 -25.07 6.32 -6.47
C THR F 50 -23.57 6.33 -6.17
N GLN F 51 -22.92 7.41 -6.58
CA GLN F 51 -21.48 7.57 -6.36
C GLN F 51 -21.12 7.36 -4.89
N ILE F 52 -21.72 8.18 -4.03
CA ILE F 52 -21.41 8.13 -2.60
C ILE F 52 -21.69 6.76 -2.02
N ASP F 53 -22.59 6.02 -2.64
CA ASP F 53 -22.90 4.65 -2.22
C ASP F 53 -21.75 3.72 -2.58
N ASP F 54 -21.19 3.94 -3.77
CA ASP F 54 -20.09 3.11 -4.24
C ASP F 54 -18.91 3.21 -3.28
N LEU F 55 -18.71 4.39 -2.69
CA LEU F 55 -17.64 4.58 -1.72
C LEU F 55 -17.84 3.69 -0.52
N TRP F 56 -19.04 3.73 0.05
CA TRP F 56 -19.37 2.93 1.22
C TRP F 56 -19.04 1.46 0.97
N LYS F 57 -19.65 0.90 -0.07
CA LYS F 57 -19.44 -0.50 -0.42
C LYS F 57 -17.96 -0.83 -0.54
N LEU F 58 -17.17 0.14 -0.99
CA LEU F 58 -15.73 -0.05 -1.17
C LEU F 58 -14.99 0.05 0.16
N HIS F 59 -15.53 0.84 1.08
CA HIS F 59 -14.94 0.99 2.41
C HIS F 59 -15.21 -0.26 3.22
N ASP F 60 -16.45 -0.71 3.18
CA ASP F 60 -16.85 -1.95 3.84
C ASP F 60 -15.98 -3.09 3.32
N PHE F 61 -15.43 -2.90 2.13
CA PHE F 61 -14.59 -3.90 1.48
C PHE F 61 -13.16 -3.84 2.01
N LEU F 62 -12.74 -2.66 2.45
CA LEU F 62 -11.43 -2.49 3.07
C LEU F 62 -11.48 -2.84 4.56
N SER F 63 -12.11 -3.95 4.89
CA SER F 63 -12.20 -4.43 6.26
C SER F 63 -11.41 -5.72 6.45
N ALA F 64 -11.34 -6.52 5.39
CA ALA F 64 -10.67 -7.81 5.45
C ALA F 64 -9.19 -7.65 5.13
N GLN F 77 -2.55 -3.39 -0.72
CA GLN F 77 -2.25 -4.64 -1.41
C GLN F 77 -2.91 -4.66 -2.79
N SER F 78 -3.48 -5.82 -3.16
CA SER F 78 -4.18 -5.97 -4.43
C SER F 78 -5.48 -5.17 -4.41
N VAL F 79 -6.00 -4.96 -3.22
CA VAL F 79 -7.30 -4.32 -3.03
C VAL F 79 -7.19 -2.81 -3.15
N ILE F 80 -6.18 -2.23 -2.52
CA ILE F 80 -5.96 -0.79 -2.56
C ILE F 80 -6.00 -0.29 -4.01
N ILE F 81 -5.27 -0.97 -4.88
CA ILE F 81 -5.17 -0.56 -6.28
C ILE F 81 -6.53 -0.62 -6.97
N PHE F 82 -7.22 -1.74 -6.80
CA PHE F 82 -8.55 -1.91 -7.39
C PHE F 82 -9.49 -0.80 -6.94
N VAL F 83 -9.53 -0.57 -5.62
CA VAL F 83 -10.40 0.44 -5.04
C VAL F 83 -10.16 1.81 -5.64
N PHE F 84 -8.93 2.31 -5.50
CA PHE F 84 -8.59 3.65 -5.96
C PHE F 84 -8.64 3.78 -7.47
N ALA F 85 -8.59 2.65 -8.18
CA ALA F 85 -8.70 2.65 -9.63
C ALA F 85 -10.12 3.03 -10.04
N GLN F 86 -11.10 2.53 -9.30
CA GLN F 86 -12.50 2.85 -9.58
C GLN F 86 -12.82 4.30 -9.22
N LEU F 87 -12.33 4.73 -8.07
CA LEU F 87 -12.54 6.10 -7.61
C LEU F 87 -11.98 7.08 -8.62
N LEU F 88 -10.88 6.70 -9.25
CA LEU F 88 -10.19 7.56 -10.19
C LEU F 88 -11.01 7.75 -11.48
N LYS F 89 -11.64 6.68 -11.94
CA LYS F 89 -12.40 6.73 -13.19
C LYS F 89 -13.82 7.25 -12.96
N GLU F 90 -14.21 7.35 -11.70
CA GLU F 90 -15.52 7.89 -11.35
C GLU F 90 -15.41 9.34 -10.88
N GLY F 91 -14.18 9.84 -10.78
CA GLY F 91 -13.95 11.24 -10.45
C GLY F 91 -13.95 11.54 -8.96
N LEU F 92 -13.89 10.49 -8.14
CA LEU F 92 -13.90 10.66 -6.69
C LEU F 92 -12.52 11.08 -6.19
N VAL F 93 -11.49 10.74 -6.95
CA VAL F 93 -10.13 11.12 -6.61
C VAL F 93 -9.39 11.67 -7.82
N GLN F 94 -8.40 12.51 -7.56
CA GLN F 94 -7.57 13.08 -8.60
C GLN F 94 -6.22 12.39 -8.61
N ALA F 95 -5.64 12.25 -9.80
CA ALA F 95 -4.36 11.57 -9.96
C ALA F 95 -3.28 12.12 -9.03
N GLU F 96 -3.31 13.43 -8.80
CA GLU F 96 -2.30 14.09 -7.99
C GLU F 96 -2.47 13.78 -6.49
N GLU F 97 -3.61 13.21 -6.13
CA GLU F 97 -3.87 12.82 -4.75
C GLU F 97 -3.33 11.43 -4.43
N LEU F 98 -2.74 10.79 -5.44
CA LEU F 98 -2.26 9.42 -5.29
C LEU F 98 -0.72 9.37 -5.26
N THR F 99 -0.10 10.53 -5.12
CA THR F 99 1.36 10.63 -5.12
C THR F 99 1.98 9.93 -3.92
N PHE F 100 1.17 9.71 -2.89
CA PHE F 100 1.65 9.10 -1.65
C PHE F 100 1.88 7.60 -1.81
N LEU F 101 1.66 7.08 -3.01
CA LEU F 101 1.82 5.66 -3.28
C LEU F 101 3.05 5.39 -4.13
N ALA F 102 3.52 4.14 -4.09
CA ALA F 102 4.64 3.73 -4.93
C ALA F 102 4.39 4.16 -6.36
N ALA F 103 5.44 4.61 -7.03
CA ALA F 103 5.36 5.05 -8.41
C ALA F 103 4.77 3.97 -9.31
N ASP F 104 5.08 2.71 -8.98
CA ASP F 104 4.62 1.58 -9.79
C ASP F 104 3.12 1.34 -9.59
N LYS F 105 2.66 1.48 -8.36
CA LYS F 105 1.25 1.31 -8.05
C LYS F 105 0.43 2.40 -8.71
N GLN F 106 0.90 3.63 -8.65
CA GLN F 106 0.23 4.76 -9.28
C GLN F 106 -0.03 4.47 -10.76
N SER F 107 0.98 3.93 -11.44
CA SER F 107 0.87 3.63 -12.86
C SER F 107 -0.14 2.53 -13.11
N LYS F 108 -0.10 1.49 -12.27
CA LYS F 108 -1.01 0.38 -12.40
C LYS F 108 -2.45 0.85 -12.21
N ILE F 109 -2.63 1.80 -11.29
CA ILE F 109 -3.94 2.37 -11.01
C ILE F 109 -4.44 3.19 -12.20
N LYS F 110 -3.55 4.00 -12.76
CA LYS F 110 -3.90 4.86 -13.89
C LYS F 110 -4.24 4.04 -15.13
N ALA F 111 -3.49 2.96 -15.34
CA ALA F 111 -3.71 2.09 -16.49
C ALA F 111 -4.97 1.26 -16.29
N LEU F 112 -5.31 1.03 -15.03
CA LEU F 112 -6.45 0.19 -14.68
C LEU F 112 -7.74 0.97 -14.70
N ALA F 113 -7.65 2.25 -14.35
CA ALA F 113 -8.82 3.14 -14.36
C ALA F 113 -9.34 3.34 -15.78
N ARG F 114 -8.50 3.02 -16.76
CA ARG F 114 -8.89 3.09 -18.16
C ARG F 114 -9.38 1.73 -18.67
N LEU F 115 -9.66 0.82 -17.75
CA LEU F 115 -10.11 -0.53 -18.08
C LEU F 115 -9.00 -1.33 -18.76
#